data_3H4I
#
_entry.id   3H4I
#
_cell.length_a   111.480
_cell.length_b   129.830
_cell.length_c   67.440
_cell.angle_alpha   90.00
_cell.angle_beta   90.00
_cell.angle_gamma   90.00
#
_symmetry.space_group_name_H-M   'C 2 2 21'
#
loop_
_entity.id
_entity.type
_entity.pdbx_description
1 polymer 'Glycosyltransferase GtfA, Glycosyltransferase'
2 non-polymer "URIDINE-5'-DIPHOSPHATE-2-DEOXY-2-FLUORO-ALPHA-D-GLUCOSE"
3 non-polymer 'SULFATE ION'
4 water water
#
_entity_poly.entity_id   1
_entity_poly.type   'polypeptide(L)'
_entity_poly.pdbx_seq_one_letter_code
;MGVLITGCGSRGDTEPLVALAARLRELGADARMCLPPDYVERCAEVGVPMVPVGRAVRAGAREPGELPPGAAEVVTEVVA
EWFDKVPAAIEGCDAVVTTGLLPAAVAVRSMAEKLGIPYRYTVLSPDHLPSEQSQAERDMYNQGADRLFGDAVNSHRASI
GLPPVEHLYDYGYTDQPWLAADPVLSPLRPTDLGTVQTGAWILPDQRPLSAELEGFLRAGSPPVYVGFGSGPAPAEAARV
AIEAVRAQGRRVVLSSGWAGLGRIDEGDDCLVVGEVNHQVLFGRVAAVVHHGGAGTTTAVTRAGAPQVVVPQKADQPYYA
GRVADLGVGVAHDGPTPTVESLSAALATALTPGIRARAAAVAGTIRTDGTTVAAKLLLEAISRQRSSVPAAKLAAALEHH
HHHH
;
_entity_poly.pdbx_strand_id   A
#
loop_
_chem_comp.id
_chem_comp.type
_chem_comp.name
_chem_comp.formula
SO4 non-polymer 'SULFATE ION' 'O4 S -2'
U2F non-polymer URIDINE-5'-DIPHOSPHATE-2-DEOXY-2-FLUORO-ALPHA-D-GLUCOSE 'C15 H23 F N2 O16 P2'
#
# COMPACT_ATOMS: atom_id res chain seq x y z
N GLY A 2 -10.42 -14.67 16.79
CA GLY A 2 -9.78 -14.27 15.50
C GLY A 2 -9.54 -12.78 15.43
N VAL A 3 -8.93 -12.34 14.33
CA VAL A 3 -8.76 -10.92 14.04
C VAL A 3 -9.25 -10.69 12.61
N LEU A 4 -10.03 -9.62 12.42
CA LEU A 4 -10.48 -9.26 11.09
C LEU A 4 -9.65 -8.10 10.57
N ILE A 5 -9.22 -8.19 9.32
CA ILE A 5 -8.45 -7.14 8.68
C ILE A 5 -9.18 -6.74 7.40
N THR A 6 -9.49 -5.45 7.25
CA THR A 6 -10.31 -5.02 6.11
C THR A 6 -9.73 -3.80 5.41
N GLY A 7 -10.06 -3.66 4.13
CA GLY A 7 -9.73 -2.44 3.41
C GLY A 7 -10.35 -2.43 2.05
N CYS A 8 -10.50 -1.23 1.51
CA CYS A 8 -10.87 -1.04 0.12
C CYS A 8 -9.95 0.01 -0.46
N GLY A 9 -9.12 -0.41 -1.42
CA GLY A 9 -8.19 0.50 -2.06
C GLY A 9 -7.32 -0.24 -3.04
N SER A 10 -6.30 0.45 -3.52
CA SER A 10 -5.37 -0.09 -4.50
C SER A 10 -4.38 -1.05 -3.84
N ARG A 11 -3.41 -1.54 -4.62
CA ARG A 11 -2.46 -2.50 -4.08
C ARG A 11 -1.74 -1.95 -2.84
N GLY A 12 -1.38 -0.67 -2.88
CA GLY A 12 -0.66 -0.06 -1.76
C GLY A 12 -1.45 -0.03 -0.46
N ASP A 13 -2.77 0.07 -0.57
CA ASP A 13 -3.63 0.07 0.62
C ASP A 13 -3.85 -1.32 1.15
N THR A 14 -3.62 -2.31 0.30
CA THR A 14 -3.98 -3.69 0.55
C THR A 14 -2.80 -4.54 1.02
N GLU A 15 -1.65 -4.38 0.36
CA GLU A 15 -0.49 -5.20 0.67
C GLU A 15 -0.07 -5.15 2.15
N PRO A 16 -0.07 -3.96 2.77
CA PRO A 16 0.26 -3.92 4.22
C PRO A 16 -0.70 -4.74 5.07
N LEU A 17 -1.97 -4.74 4.71
CA LEU A 17 -2.98 -5.52 5.40
C LEU A 17 -2.74 -7.01 5.27
N VAL A 18 -2.40 -7.46 4.06
CA VAL A 18 -2.07 -8.86 3.82
C VAL A 18 -0.84 -9.25 4.64
N ALA A 19 0.16 -8.37 4.70
CA ALA A 19 1.35 -8.59 5.53
C ALA A 19 0.99 -8.80 7.00
N LEU A 20 0.13 -7.94 7.53
CA LEU A 20 -0.28 -8.08 8.92
C LEU A 20 -1.06 -9.38 9.15
N ALA A 21 -2.00 -9.69 8.25
CA ALA A 21 -2.76 -10.94 8.35
C ALA A 21 -1.85 -12.16 8.36
N ALA A 22 -0.89 -12.20 7.44
CA ALA A 22 0.02 -13.34 7.36
C ALA A 22 0.89 -13.44 8.63
N ARG A 23 1.34 -12.30 9.14
CA ARG A 23 2.15 -12.32 10.36
C ARG A 23 1.35 -12.82 11.55
N LEU A 24 0.11 -12.37 11.67
CA LEU A 24 -0.75 -12.82 12.76
C LEU A 24 -0.98 -14.32 12.71
N ARG A 25 -1.19 -14.87 11.50
CA ARG A 25 -1.36 -16.32 11.36
C ARG A 25 -0.10 -17.09 11.75
N GLU A 26 1.06 -16.55 11.40
CA GLU A 26 2.34 -17.12 11.83
C GLU A 26 2.47 -17.16 13.36
N LEU A 27 1.88 -16.16 14.02
CA LEU A 27 1.90 -16.04 15.48
C LEU A 27 0.74 -16.78 16.15
N GLY A 28 -0.03 -17.53 15.37
CA GLY A 28 -1.08 -18.40 15.92
C GLY A 28 -2.46 -17.78 16.09
N ALA A 29 -2.69 -16.64 15.44
CA ALA A 29 -4.00 -15.99 15.47
C ALA A 29 -4.74 -16.24 14.16
N ASP A 30 -6.03 -16.55 14.25
CA ASP A 30 -6.86 -16.81 13.09
C ASP A 30 -7.27 -15.47 12.44
N ALA A 31 -6.31 -14.86 11.76
CA ALA A 31 -6.56 -13.62 11.03
C ALA A 31 -7.21 -13.92 9.68
N ARG A 32 -8.25 -13.16 9.35
CA ARG A 32 -8.94 -13.30 8.08
C ARG A 32 -9.26 -11.91 7.56
N MET A 33 -9.61 -11.81 6.28
CA MET A 33 -9.71 -10.50 5.63
C MET A 33 -10.99 -10.29 4.86
N CYS A 34 -11.37 -9.01 4.73
CA CYS A 34 -12.36 -8.58 3.74
C CYS A 34 -11.69 -7.55 2.86
N LEU A 35 -11.61 -7.84 1.55
CA LEU A 35 -10.93 -6.98 0.58
C LEU A 35 -11.68 -6.97 -0.73
N PRO A 36 -11.40 -6.00 -1.62
CA PRO A 36 -11.94 -6.06 -2.98
C PRO A 36 -11.51 -7.33 -3.72
N PRO A 37 -12.29 -7.75 -4.72
CA PRO A 37 -12.03 -9.00 -5.43
C PRO A 37 -10.70 -9.04 -6.19
N ASP A 38 -10.05 -7.89 -6.39
CA ASP A 38 -8.74 -7.86 -7.04
C ASP A 38 -7.73 -8.78 -6.34
N TYR A 39 -7.91 -8.99 -5.04
CA TYR A 39 -6.85 -9.52 -4.18
C TYR A 39 -7.01 -10.98 -3.81
N VAL A 40 -7.95 -11.66 -4.48
CA VAL A 40 -8.19 -13.08 -4.21
C VAL A 40 -6.92 -13.91 -4.37
N GLU A 41 -6.22 -13.75 -5.49
CA GLU A 41 -5.02 -14.53 -5.77
C GLU A 41 -3.89 -14.21 -4.79
N ARG A 42 -3.71 -12.93 -4.48
CA ARG A 42 -2.66 -12.52 -3.55
C ARG A 42 -2.84 -13.16 -2.18
N CYS A 43 -4.07 -13.13 -1.67
CA CYS A 43 -4.32 -13.67 -0.34
C CYS A 43 -4.10 -15.18 -0.31
N ALA A 44 -4.59 -15.84 -1.34
CA ALA A 44 -4.48 -17.29 -1.41
C ALA A 44 -3.02 -17.76 -1.45
N GLU A 45 -2.18 -17.05 -2.20
CA GLU A 45 -0.80 -17.52 -2.37
C GLU A 45 0.05 -17.37 -1.10
N VAL A 46 -0.44 -16.61 -0.12
CA VAL A 46 0.23 -16.51 1.19
C VAL A 46 -0.57 -17.16 2.32
N GLY A 47 -1.62 -17.89 1.95
CA GLY A 47 -2.37 -18.71 2.90
C GLY A 47 -3.32 -17.95 3.82
N VAL A 48 -3.72 -16.75 3.41
CA VAL A 48 -4.58 -15.92 4.23
C VAL A 48 -6.03 -16.01 3.72
N PRO A 49 -6.97 -16.39 4.60
CA PRO A 49 -8.38 -16.43 4.18
C PRO A 49 -8.92 -15.04 3.93
N MET A 50 -9.61 -14.88 2.81
CA MET A 50 -10.18 -13.59 2.45
C MET A 50 -11.56 -13.76 1.83
N VAL A 51 -12.45 -12.85 2.21
CA VAL A 51 -13.80 -12.75 1.68
C VAL A 51 -13.84 -11.52 0.75
N PRO A 52 -14.16 -11.71 -0.54
CA PRO A 52 -14.23 -10.56 -1.45
C PRO A 52 -15.46 -9.72 -1.16
N VAL A 53 -15.30 -8.40 -1.16
CA VAL A 53 -16.38 -7.48 -0.90
C VAL A 53 -16.36 -6.35 -1.92
N GLY A 54 -17.49 -6.15 -2.60
CA GLY A 54 -17.67 -4.99 -3.47
C GLY A 54 -17.05 -5.10 -4.85
N ARG A 55 -16.98 -3.96 -5.52
CA ARG A 55 -16.47 -3.83 -6.87
C ARG A 55 -14.95 -3.92 -6.90
N ALA A 56 -14.41 -4.42 -8.00
CA ALA A 56 -12.96 -4.42 -8.20
C ALA A 56 -12.44 -2.99 -8.28
N VAL A 57 -11.26 -2.77 -7.70
CA VAL A 57 -10.64 -1.46 -7.70
C VAL A 57 -9.94 -1.15 -9.02
N ARG A 58 -9.30 -2.17 -9.62
CA ARG A 58 -8.64 -1.98 -10.91
C ARG A 58 -9.68 -1.88 -12.04
N ALA A 59 -9.61 -0.79 -12.81
CA ALA A 59 -10.58 -0.54 -13.88
C ALA A 59 -10.69 -1.71 -14.86
N GLY A 60 -9.56 -2.28 -15.24
CA GLY A 60 -9.53 -3.43 -16.16
C GLY A 60 -10.14 -4.70 -15.62
N ALA A 61 -10.34 -4.76 -14.30
CA ALA A 61 -10.99 -5.91 -13.66
C ALA A 61 -12.50 -5.76 -13.59
N ARG A 62 -13.00 -4.57 -13.91
CA ARG A 62 -14.44 -4.31 -13.94
C ARG A 62 -14.96 -4.40 -15.37
N GLU A 63 -16.29 -4.39 -15.50
CA GLU A 63 -16.93 -4.35 -16.80
C GLU A 63 -16.74 -2.96 -17.42
N PRO A 64 -16.85 -2.87 -18.77
CA PRO A 64 -16.78 -1.54 -19.38
C PRO A 64 -17.89 -0.64 -18.84
N GLY A 65 -17.52 0.56 -18.42
CA GLY A 65 -18.47 1.53 -17.88
C GLY A 65 -18.86 1.33 -16.42
N GLU A 66 -18.38 0.24 -15.81
CA GLU A 66 -18.67 -0.04 -14.40
C GLU A 66 -17.83 0.88 -13.51
N LEU A 67 -18.51 1.63 -12.65
CA LEU A 67 -17.85 2.63 -11.81
C LEU A 67 -17.02 1.98 -10.70
N PRO A 68 -15.92 2.65 -10.29
CA PRO A 68 -15.09 2.14 -9.19
C PRO A 68 -15.79 2.26 -7.83
N PRO A 69 -15.34 1.47 -6.83
CA PRO A 69 -15.95 1.54 -5.50
C PRO A 69 -15.87 2.92 -4.83
N GLY A 70 -14.90 3.73 -5.25
CA GLY A 70 -14.74 5.08 -4.72
C GLY A 70 -15.60 6.15 -5.36
N ALA A 71 -16.37 5.79 -6.39
CA ALA A 71 -17.24 6.76 -7.09
C ALA A 71 -18.40 7.20 -6.19
N ALA A 72 -18.62 8.51 -6.11
CA ALA A 72 -19.69 9.06 -5.28
C ALA A 72 -21.06 8.48 -5.64
N GLU A 73 -21.25 8.18 -6.93
CA GLU A 73 -22.50 7.67 -7.47
C GLU A 73 -22.94 6.34 -6.87
N VAL A 74 -21.97 5.55 -6.42
CA VAL A 74 -22.27 4.20 -5.94
C VAL A 74 -22.08 4.04 -4.43
N VAL A 75 -21.90 5.15 -3.72
CA VAL A 75 -21.55 5.07 -2.29
C VAL A 75 -22.61 4.36 -1.43
N THR A 76 -23.89 4.54 -1.75
CA THR A 76 -24.97 3.88 -1.01
C THR A 76 -24.88 2.36 -1.17
N GLU A 77 -24.59 1.91 -2.39
CA GLU A 77 -24.39 0.50 -2.69
C GLU A 77 -23.17 -0.05 -1.94
N VAL A 78 -22.08 0.71 -1.90
CA VAL A 78 -20.87 0.31 -1.21
C VAL A 78 -21.13 0.08 0.28
N VAL A 79 -21.76 1.05 0.93
CA VAL A 79 -22.09 0.92 2.35
C VAL A 79 -22.93 -0.33 2.59
N ALA A 80 -23.95 -0.54 1.76
CA ALA A 80 -24.81 -1.71 1.88
C ALA A 80 -24.05 -3.02 1.74
N GLU A 81 -23.15 -3.07 0.77
CA GLU A 81 -22.37 -4.28 0.49
C GLU A 81 -21.47 -4.66 1.68
N TRP A 82 -20.81 -3.66 2.27
CA TRP A 82 -19.95 -3.92 3.42
C TRP A 82 -20.77 -4.36 4.65
N PHE A 83 -21.91 -3.71 4.88
CA PHE A 83 -22.82 -4.18 5.93
C PHE A 83 -23.38 -5.59 5.66
N ASP A 84 -23.46 -5.97 4.39
CA ASP A 84 -23.97 -7.30 4.03
C ASP A 84 -22.95 -8.43 4.21
N LYS A 85 -21.69 -8.17 3.83
CA LYS A 85 -20.68 -9.23 3.75
C LYS A 85 -19.78 -9.36 4.98
N VAL A 86 -19.59 -8.27 5.71
CA VAL A 86 -18.72 -8.29 6.88
C VAL A 86 -19.21 -9.15 8.06
N PRO A 87 -20.54 -9.15 8.35
CA PRO A 87 -21.02 -9.91 9.52
C PRO A 87 -20.51 -11.36 9.63
N ALA A 88 -20.54 -12.12 8.53
CA ALA A 88 -20.07 -13.50 8.56
C ALA A 88 -18.58 -13.59 8.87
N ALA A 89 -17.81 -12.61 8.38
CA ALA A 89 -16.37 -12.60 8.55
C ALA A 89 -15.93 -12.12 9.94
N ILE A 90 -16.68 -11.17 10.51
CA ILE A 90 -16.32 -10.58 11.80
C ILE A 90 -16.72 -11.47 12.98
N GLU A 91 -17.65 -12.41 12.74
CA GLU A 91 -18.08 -13.32 13.79
C GLU A 91 -16.88 -14.09 14.35
N GLY A 92 -16.78 -14.09 15.68
CA GLY A 92 -15.69 -14.77 16.37
C GLY A 92 -14.38 -13.99 16.39
N CYS A 93 -14.42 -12.73 15.97
CA CYS A 93 -13.22 -11.89 16.02
C CYS A 93 -13.14 -11.05 17.28
N ASP A 94 -11.91 -10.80 17.72
CA ASP A 94 -11.64 -10.08 18.96
C ASP A 94 -11.10 -8.68 18.73
N ALA A 95 -10.79 -8.36 17.46
CA ALA A 95 -10.28 -7.05 17.07
C ALA A 95 -10.39 -6.90 15.57
N VAL A 96 -10.36 -5.65 15.11
CA VAL A 96 -10.44 -5.34 13.68
C VAL A 96 -9.40 -4.27 13.34
N VAL A 97 -8.69 -4.47 12.23
CA VAL A 97 -7.77 -3.46 11.69
C VAL A 97 -8.18 -3.11 10.27
N THR A 98 -8.19 -1.81 9.96
CA THR A 98 -8.72 -1.33 8.68
C THR A 98 -7.85 -0.24 8.08
N THR A 99 -7.82 -0.18 6.76
CA THR A 99 -7.35 1.01 6.06
C THR A 99 -8.24 1.32 4.86
N GLY A 100 -7.97 2.42 4.17
CA GLY A 100 -8.59 2.69 2.88
C GLY A 100 -9.93 3.40 2.93
N LEU A 101 -10.74 3.11 1.92
CA LEU A 101 -11.98 3.84 1.61
C LEU A 101 -12.84 4.10 2.85
N LEU A 102 -13.14 5.37 3.08
CA LEU A 102 -13.85 5.78 4.29
C LEU A 102 -15.26 5.18 4.49
N PRO A 103 -16.14 5.22 3.47
CA PRO A 103 -17.46 4.60 3.69
C PRO A 103 -17.40 3.11 4.08
N ALA A 104 -16.46 2.36 3.52
CA ALA A 104 -16.29 0.97 3.91
C ALA A 104 -15.77 0.87 5.35
N ALA A 105 -14.79 1.72 5.70
CA ALA A 105 -14.21 1.72 7.04
C ALA A 105 -15.25 2.01 8.13
N VAL A 106 -16.12 2.97 7.86
CA VAL A 106 -17.16 3.33 8.82
C VAL A 106 -18.18 2.19 9.01
N ALA A 107 -18.46 1.46 7.94
CA ALA A 107 -19.31 0.27 8.04
C ALA A 107 -18.65 -0.77 8.96
N VAL A 108 -17.38 -1.04 8.72
CA VAL A 108 -16.61 -1.99 9.51
C VAL A 108 -16.54 -1.57 10.98
N ARG A 109 -16.23 -0.29 11.25
CA ARG A 109 -16.19 0.14 12.64
C ARG A 109 -17.56 -0.01 13.30
N SER A 110 -18.63 0.25 12.55
CA SER A 110 -19.99 0.10 13.10
C SER A 110 -20.23 -1.33 13.56
N MET A 111 -19.79 -2.30 12.75
CA MET A 111 -19.97 -3.69 13.13
C MET A 111 -19.06 -4.09 14.31
N ALA A 112 -17.86 -3.52 14.37
CA ALA A 112 -17.01 -3.68 15.55
C ALA A 112 -17.66 -3.10 16.80
N GLU A 113 -18.27 -1.93 16.66
CA GLU A 113 -18.97 -1.26 17.78
C GLU A 113 -20.10 -2.14 18.31
N LYS A 114 -20.89 -2.71 17.41
CA LYS A 114 -21.98 -3.62 17.77
C LYS A 114 -21.46 -4.81 18.60
N LEU A 115 -20.34 -5.37 18.17
CA LEU A 115 -19.74 -6.52 18.85
C LEU A 115 -18.95 -6.15 20.09
N GLY A 116 -18.66 -4.86 20.27
CA GLY A 116 -17.86 -4.39 21.38
C GLY A 116 -16.40 -4.81 21.33
N ILE A 117 -15.84 -4.86 20.11
CA ILE A 117 -14.44 -5.24 19.93
C ILE A 117 -13.61 -4.05 19.42
N PRO A 118 -12.33 -3.98 19.81
CA PRO A 118 -11.49 -2.87 19.36
C PRO A 118 -11.34 -2.78 17.84
N TYR A 119 -11.38 -1.54 17.35
CA TYR A 119 -11.18 -1.21 15.94
C TYR A 119 -10.00 -0.27 15.85
N ARG A 120 -9.12 -0.52 14.89
CA ARG A 120 -7.96 0.33 14.64
C ARG A 120 -7.90 0.67 13.16
N TYR A 121 -7.77 1.96 12.87
CA TYR A 121 -7.56 2.39 11.49
C TYR A 121 -6.08 2.73 11.33
N THR A 122 -5.58 2.46 10.14
CA THR A 122 -4.17 2.63 9.84
C THR A 122 -3.99 3.54 8.62
N VAL A 123 -3.07 4.49 8.72
CA VAL A 123 -2.66 5.26 7.55
C VAL A 123 -1.24 4.88 7.16
N LEU A 124 -0.90 5.13 5.89
CA LEU A 124 0.36 4.63 5.32
C LEU A 124 1.39 5.71 5.05
N SER A 125 0.97 6.97 5.11
CA SER A 125 1.85 8.11 4.86
C SER A 125 1.50 9.18 5.89
N PRO A 126 2.52 9.85 6.47
CA PRO A 126 2.22 10.79 7.55
C PRO A 126 1.34 11.97 7.18
N ASP A 127 1.41 12.43 5.94
CA ASP A 127 0.59 13.58 5.51
C ASP A 127 -0.91 13.28 5.54
N HIS A 128 -1.27 12.01 5.69
CA HIS A 128 -2.67 11.59 5.76
C HIS A 128 -3.21 11.44 7.18
N LEU A 129 -2.35 11.64 8.18
CA LEU A 129 -2.81 11.63 9.57
C LEU A 129 -3.76 12.78 9.83
N PRO A 130 -4.88 12.50 10.52
CA PRO A 130 -5.77 13.60 10.95
C PRO A 130 -5.01 14.75 11.66
N SER A 131 -4.03 14.41 12.49
CA SER A 131 -3.28 15.41 13.24
C SER A 131 -2.35 16.26 12.35
N GLU A 132 -2.17 15.84 11.10
CA GLU A 132 -1.39 16.62 10.12
C GLU A 132 -2.29 17.48 9.23
N GLN A 133 -3.60 17.47 9.52
CA GLN A 133 -4.55 18.36 8.87
C GLN A 133 -4.85 19.53 9.80
N SER A 134 -5.36 20.62 9.23
CA SER A 134 -5.84 21.72 10.06
C SER A 134 -7.22 21.36 10.62
N GLN A 135 -7.65 22.08 11.66
CA GLN A 135 -8.99 21.88 12.20
C GLN A 135 -10.06 22.13 11.13
N ALA A 136 -9.86 23.17 10.33
CA ALA A 136 -10.78 23.51 9.23
C ALA A 136 -10.88 22.37 8.22
N GLU A 137 -9.74 21.74 7.92
CA GLU A 137 -9.72 20.59 7.01
C GLU A 137 -10.47 19.40 7.58
N ARG A 138 -10.22 19.08 8.86
CA ARG A 138 -10.93 17.99 9.52
C ARG A 138 -12.45 18.24 9.55
N ASP A 139 -12.84 19.49 9.84
CA ASP A 139 -14.25 19.88 9.81
C ASP A 139 -14.84 19.62 8.43
N MET A 140 -14.11 20.02 7.40
CA MET A 140 -14.55 19.84 6.02
C MET A 140 -14.71 18.36 5.65
N TYR A 141 -13.76 17.53 6.06
CA TYR A 141 -13.83 16.10 5.75
C TYR A 141 -15.02 15.47 6.43
N ASN A 142 -15.24 15.83 7.70
CA ASN A 142 -16.37 15.31 8.45
C ASN A 142 -17.70 15.69 7.83
N GLN A 143 -17.85 16.95 7.46
CA GLN A 143 -19.09 17.43 6.86
C GLN A 143 -19.36 16.76 5.53
N GLY A 144 -18.31 16.61 4.71
CA GLY A 144 -18.45 15.96 3.42
C GLY A 144 -18.88 14.50 3.54
N ALA A 145 -18.26 13.76 4.45
CA ALA A 145 -18.60 12.36 4.67
C ALA A 145 -20.04 12.22 5.19
N ASP A 146 -20.40 13.04 6.16
CA ASP A 146 -21.74 12.97 6.73
C ASP A 146 -22.79 13.25 5.66
N ARG A 147 -22.54 14.27 4.85
CA ARG A 147 -23.46 14.63 3.78
C ARG A 147 -23.55 13.58 2.67
N LEU A 148 -22.41 13.01 2.30
CA LEU A 148 -22.37 12.10 1.17
C LEU A 148 -22.94 10.71 1.50
N PHE A 149 -22.61 10.20 2.68
CA PHE A 149 -23.03 8.82 2.99
C PHE A 149 -23.48 8.61 4.43
N GLY A 150 -23.67 9.68 5.18
CA GLY A 150 -24.13 9.57 6.57
C GLY A 150 -25.49 8.94 6.73
N ASP A 151 -26.43 9.28 5.85
CA ASP A 151 -27.77 8.70 5.93
C ASP A 151 -27.73 7.20 5.68
N ALA A 152 -26.97 6.78 4.67
CA ALA A 152 -26.83 5.37 4.34
C ALA A 152 -26.21 4.60 5.51
N VAL A 153 -25.13 5.14 6.06
CA VAL A 153 -24.48 4.52 7.22
C VAL A 153 -25.46 4.40 8.39
N ASN A 154 -26.18 5.48 8.69
CA ASN A 154 -27.14 5.46 9.78
C ASN A 154 -28.32 4.50 9.58
N SER A 155 -28.75 4.33 8.33
CA SER A 155 -29.82 3.36 8.05
C SER A 155 -29.34 1.95 8.37
N HIS A 156 -28.12 1.61 7.98
CA HIS A 156 -27.58 0.29 8.27
C HIS A 156 -27.25 0.11 9.74
N ARG A 157 -26.81 1.16 10.41
CA ARG A 157 -26.58 1.09 11.85
C ARG A 157 -27.88 0.77 12.59
N ALA A 158 -28.96 1.44 12.20
CA ALA A 158 -30.26 1.18 12.79
C ALA A 158 -30.66 -0.28 12.57
N SER A 159 -30.41 -0.81 11.37
CA SER A 159 -30.76 -2.19 11.05
C SER A 159 -30.16 -3.22 12.02
N ILE A 160 -29.04 -2.87 12.65
CA ILE A 160 -28.40 -3.73 13.65
C ILE A 160 -28.49 -3.18 15.09
N GLY A 161 -29.38 -2.19 15.29
CA GLY A 161 -29.73 -1.73 16.63
C GLY A 161 -28.88 -0.63 17.21
N LEU A 162 -27.92 -0.15 16.43
CA LEU A 162 -27.01 0.91 16.89
C LEU A 162 -27.65 2.29 16.79
N PRO A 163 -27.18 3.24 17.61
CA PRO A 163 -27.62 4.62 17.48
C PRO A 163 -26.99 5.26 16.24
N PRO A 164 -27.52 6.39 15.80
CA PRO A 164 -26.89 7.12 14.70
C PRO A 164 -25.51 7.61 15.11
N VAL A 165 -24.66 7.90 14.12
CA VAL A 165 -23.36 8.48 14.39
C VAL A 165 -23.14 9.62 13.40
N GLU A 166 -22.37 10.62 13.82
CA GLU A 166 -21.94 11.68 12.90
C GLU A 166 -20.43 11.88 12.99
N HIS A 167 -19.92 12.84 12.24
CA HIS A 167 -18.47 13.09 12.12
C HIS A 167 -17.77 11.82 11.65
N LEU A 168 -18.12 11.39 10.44
CA LEU A 168 -17.69 10.09 9.96
C LEU A 168 -16.21 10.01 9.62
N TYR A 169 -15.56 11.15 9.38
CA TYR A 169 -14.11 11.14 9.19
C TYR A 169 -13.44 10.81 10.52
N ASP A 170 -13.83 11.51 11.59
CA ASP A 170 -13.36 11.19 12.95
C ASP A 170 -13.65 9.72 13.27
N TYR A 171 -14.85 9.27 12.93
CA TYR A 171 -15.28 7.91 13.28
C TYR A 171 -14.46 6.85 12.54
N GLY A 172 -14.35 6.98 11.23
CA GLY A 172 -13.63 5.99 10.43
C GLY A 172 -12.13 5.96 10.68
N TYR A 173 -11.51 7.14 10.82
CA TYR A 173 -10.07 7.23 11.04
C TYR A 173 -9.69 7.02 12.49
N THR A 174 -10.65 7.17 13.40
CA THR A 174 -10.43 7.24 14.86
C THR A 174 -9.69 8.52 15.23
N ASP A 175 -9.60 8.77 16.54
CA ASP A 175 -8.93 9.97 17.04
C ASP A 175 -7.41 9.85 16.95
N GLN A 176 -6.92 8.62 16.74
CA GLN A 176 -5.49 8.36 16.74
C GLN A 176 -5.15 7.13 15.90
N PRO A 177 -5.25 7.24 14.56
CA PRO A 177 -4.92 6.06 13.77
C PRO A 177 -3.44 5.70 13.86
N TRP A 178 -3.14 4.43 13.62
CA TRP A 178 -1.78 3.97 13.52
C TRP A 178 -1.12 4.50 12.25
N LEU A 179 0.20 4.64 12.30
CA LEU A 179 0.98 4.96 11.11
C LEU A 179 1.85 3.76 10.76
N ALA A 180 1.43 2.99 9.77
CA ALA A 180 2.21 1.83 9.33
C ALA A 180 3.17 2.27 8.24
N ALA A 181 4.18 3.04 8.66
CA ALA A 181 5.17 3.62 7.75
C ALA A 181 6.53 3.57 8.43
N ASP A 182 7.57 3.37 7.63
CA ASP A 182 8.91 3.33 8.16
C ASP A 182 9.35 4.70 8.68
N PRO A 183 9.94 4.75 9.88
CA PRO A 183 10.36 6.04 10.45
C PRO A 183 11.57 6.71 9.80
N VAL A 184 12.42 5.96 9.10
CA VAL A 184 13.56 6.57 8.39
C VAL A 184 13.04 7.22 7.11
N LEU A 185 12.22 6.48 6.37
CA LEU A 185 11.62 7.02 5.16
C LEU A 185 10.60 8.12 5.45
N SER A 186 9.83 7.94 6.53
CA SER A 186 8.73 8.84 6.87
C SER A 186 8.77 9.25 8.35
N PRO A 187 9.69 10.17 8.69
CA PRO A 187 9.77 10.60 10.09
C PRO A 187 8.57 11.43 10.55
N LEU A 188 8.14 11.16 11.78
CA LEU A 188 7.05 11.84 12.44
C LEU A 188 7.59 13.01 13.26
N ARG A 189 6.88 14.13 13.23
CA ARG A 189 7.29 15.32 14.00
C ARG A 189 7.46 14.97 15.48
N PRO A 190 8.45 15.60 16.15
CA PRO A 190 8.76 15.20 17.53
C PRO A 190 7.67 15.53 18.57
N THR A 191 6.78 16.46 18.23
CA THR A 191 5.71 16.86 19.14
C THR A 191 4.48 15.93 19.10
N ASP A 192 4.46 14.98 18.17
CA ASP A 192 3.35 14.04 18.06
C ASP A 192 3.61 12.87 18.99
N LEU A 193 2.96 12.88 20.15
CA LEU A 193 3.07 11.79 21.11
C LEU A 193 1.93 10.79 21.00
N GLY A 194 0.92 11.14 20.20
CA GLY A 194 -0.29 10.33 20.09
C GLY A 194 -0.22 9.24 19.05
N THR A 195 0.39 9.53 17.90
CA THR A 195 0.46 8.58 16.80
C THR A 195 1.40 7.43 17.13
N VAL A 196 0.89 6.20 16.99
CA VAL A 196 1.71 5.02 17.12
C VAL A 196 2.25 4.64 15.73
N GLN A 197 3.54 4.83 15.53
CA GLN A 197 4.20 4.51 14.27
C GLN A 197 4.85 3.15 14.41
N THR A 198 4.28 2.16 13.73
CA THR A 198 4.68 0.76 13.90
C THR A 198 5.87 0.37 13.05
N GLY A 199 6.13 1.16 12.02
CA GLY A 199 7.00 0.73 10.93
C GLY A 199 6.11 0.18 9.82
N ALA A 200 6.69 0.05 8.64
CA ALA A 200 5.94 -0.49 7.50
C ALA A 200 5.51 -1.93 7.76
N TRP A 201 4.38 -2.33 7.16
CA TRP A 201 3.94 -3.73 7.25
C TRP A 201 4.36 -4.43 5.97
N ILE A 202 5.35 -5.31 6.10
CA ILE A 202 6.04 -5.91 4.97
C ILE A 202 5.93 -7.43 5.11
N LEU A 203 5.46 -8.09 4.06
CA LEU A 203 5.36 -9.55 4.05
C LEU A 203 6.64 -10.12 3.46
N PRO A 204 7.39 -10.95 4.23
CA PRO A 204 8.63 -11.50 3.68
C PRO A 204 8.31 -12.40 2.49
N ASP A 205 8.74 -11.98 1.31
CA ASP A 205 8.23 -12.55 0.07
C ASP A 205 9.01 -13.80 -0.33
N GLN A 206 8.33 -14.95 -0.29
CA GLN A 206 8.94 -16.24 -0.59
C GLN A 206 8.66 -16.72 -2.01
N ARG A 207 7.94 -15.91 -2.79
CA ARG A 207 7.57 -16.32 -4.15
C ARG A 207 8.80 -16.34 -5.06
N PRO A 208 8.97 -17.42 -5.84
CA PRO A 208 10.09 -17.45 -6.78
C PRO A 208 9.87 -16.45 -7.92
N LEU A 209 10.96 -16.02 -8.53
CA LEU A 209 10.85 -15.27 -9.79
C LEU A 209 10.47 -16.25 -10.88
N SER A 210 9.79 -15.76 -11.91
CA SER A 210 9.46 -16.60 -13.05
C SER A 210 10.74 -17.10 -13.74
N ALA A 211 10.62 -18.21 -14.47
CA ALA A 211 11.74 -18.72 -15.25
C ALA A 211 12.21 -17.67 -16.25
N GLU A 212 11.28 -16.91 -16.81
CA GLU A 212 11.59 -15.89 -17.79
C GLU A 212 12.41 -14.75 -17.17
N LEU A 213 12.01 -14.31 -15.98
CA LEU A 213 12.74 -13.25 -15.29
C LEU A 213 14.09 -13.75 -14.78
N GLU A 214 14.13 -14.96 -14.22
CA GLU A 214 15.40 -15.54 -13.83
C GLU A 214 16.37 -15.63 -15.01
N GLY A 215 15.89 -16.16 -16.13
CA GLY A 215 16.68 -16.22 -17.36
C GLY A 215 17.19 -14.87 -17.80
N PHE A 216 16.32 -13.86 -17.81
CA PHE A 216 16.69 -12.50 -18.20
C PHE A 216 17.81 -11.95 -17.30
N LEU A 217 17.66 -12.13 -15.99
CA LEU A 217 18.69 -11.64 -15.06
C LEU A 217 20.03 -12.33 -15.26
N ARG A 218 20.01 -13.63 -15.54
CA ARG A 218 21.24 -14.40 -15.72
C ARG A 218 21.94 -14.10 -17.03
N ALA A 219 21.21 -13.57 -18.02
CA ALA A 219 21.69 -13.44 -19.39
C ALA A 219 22.44 -12.16 -19.71
N GLY A 220 22.56 -11.26 -18.74
CA GLY A 220 23.25 -10.00 -19.01
C GLY A 220 23.50 -9.20 -17.77
N SER A 221 23.86 -7.93 -17.97
CA SER A 221 24.16 -7.02 -16.88
C SER A 221 22.88 -6.64 -16.12
N PRO A 222 23.01 -6.26 -14.83
CA PRO A 222 21.81 -5.91 -14.05
C PRO A 222 20.96 -4.84 -14.72
N PRO A 223 19.65 -5.13 -14.91
CA PRO A 223 18.79 -4.19 -15.63
C PRO A 223 18.25 -3.09 -14.73
N VAL A 224 17.58 -2.11 -15.34
CA VAL A 224 16.84 -1.10 -14.60
C VAL A 224 15.36 -1.50 -14.63
N TYR A 225 14.71 -1.50 -13.47
CA TYR A 225 13.26 -1.72 -13.40
C TYR A 225 12.53 -0.41 -13.60
N VAL A 226 11.43 -0.48 -14.34
CA VAL A 226 10.52 0.67 -14.52
C VAL A 226 9.09 0.23 -14.24
N GLY A 227 8.39 0.93 -13.34
CA GLY A 227 6.99 0.60 -13.08
C GLY A 227 6.25 1.72 -12.41
N PHE A 228 4.93 1.76 -12.61
CA PHE A 228 4.09 2.83 -12.09
C PHE A 228 2.98 2.30 -11.17
N GLY A 229 3.09 1.03 -10.77
CA GLY A 229 2.23 0.48 -9.73
C GLY A 229 0.78 0.40 -10.12
N SER A 230 -0.11 0.80 -9.21
CA SER A 230 -1.56 0.75 -9.46
C SER A 230 -2.07 1.94 -10.25
N GLY A 231 -1.22 2.96 -10.40
CA GLY A 231 -1.69 4.23 -10.91
C GLY A 231 -1.45 4.41 -12.40
N PRO A 232 -1.87 5.56 -12.93
CA PRO A 232 -1.60 5.90 -14.32
C PRO A 232 -0.11 6.08 -14.54
N ALA A 233 0.31 5.88 -15.77
CA ALA A 233 1.68 6.16 -16.17
C ALA A 233 1.66 7.39 -17.05
N PRO A 234 2.78 8.13 -17.10
CA PRO A 234 2.88 9.31 -17.97
C PRO A 234 2.72 8.97 -19.44
N ALA A 235 2.42 9.99 -20.24
CA ALA A 235 2.31 9.84 -21.69
C ALA A 235 3.59 9.22 -22.23
N GLU A 236 3.44 8.21 -23.08
CA GLU A 236 4.56 7.55 -23.75
C GLU A 236 5.54 6.96 -22.73
N ALA A 237 5.03 6.54 -21.56
CA ALA A 237 5.90 6.07 -20.47
C ALA A 237 6.86 4.98 -20.89
N ALA A 238 6.35 3.96 -21.57
CA ALA A 238 7.16 2.82 -21.98
C ALA A 238 8.25 3.24 -22.97
N ARG A 239 7.88 4.03 -23.97
CA ARG A 239 8.87 4.46 -24.95
C ARG A 239 9.96 5.32 -24.30
N VAL A 240 9.55 6.29 -23.51
CA VAL A 240 10.51 7.19 -22.87
C VAL A 240 11.43 6.41 -21.94
N ALA A 241 10.85 5.52 -21.14
CA ALA A 241 11.64 4.75 -20.18
C ALA A 241 12.60 3.79 -20.87
N ILE A 242 12.10 3.03 -21.85
CA ILE A 242 12.96 2.08 -22.55
C ILE A 242 14.10 2.81 -23.26
N GLU A 243 13.79 3.92 -23.92
CA GLU A 243 14.82 4.66 -24.63
C GLU A 243 15.84 5.34 -23.69
N ALA A 244 15.37 5.81 -22.54
CA ALA A 244 16.27 6.43 -21.55
C ALA A 244 17.18 5.40 -20.86
N VAL A 245 16.63 4.23 -20.55
CA VAL A 245 17.43 3.16 -19.93
C VAL A 245 18.46 2.66 -20.94
N ARG A 246 18.04 2.44 -22.18
CA ARG A 246 18.97 2.09 -23.26
C ARG A 246 20.10 3.12 -23.40
N ALA A 247 19.75 4.40 -23.31
CA ALA A 247 20.74 5.48 -23.43
C ALA A 247 21.84 5.39 -22.38
N GLN A 248 21.52 4.78 -21.24
CA GLN A 248 22.49 4.56 -20.18
C GLN A 248 23.22 3.21 -20.29
N GLY A 249 22.98 2.51 -21.40
CA GLY A 249 23.65 1.24 -21.66
C GLY A 249 23.13 0.09 -20.82
N ARG A 250 21.88 0.20 -20.40
CA ARG A 250 21.28 -0.79 -19.51
C ARG A 250 20.11 -1.50 -20.17
N ARG A 251 19.86 -2.73 -19.71
CA ARG A 251 18.67 -3.48 -20.09
C ARG A 251 17.50 -3.07 -19.20
N VAL A 252 16.28 -3.41 -19.61
CA VAL A 252 15.07 -2.92 -18.95
C VAL A 252 14.17 -4.07 -18.50
N VAL A 253 13.70 -4.00 -17.25
CA VAL A 253 12.55 -4.79 -16.80
C VAL A 253 11.40 -3.81 -16.68
N LEU A 254 10.40 -3.96 -17.55
CA LEU A 254 9.25 -3.07 -17.56
C LEU A 254 8.06 -3.75 -16.90
N SER A 255 7.62 -3.19 -15.79
CA SER A 255 6.41 -3.69 -15.13
C SER A 255 5.18 -3.10 -15.81
N SER A 256 4.30 -3.97 -16.31
CA SER A 256 3.11 -3.52 -17.01
C SER A 256 2.22 -2.68 -16.08
N GLY A 257 2.06 -3.16 -14.84
CA GLY A 257 1.26 -2.47 -13.83
C GLY A 257 -0.19 -2.38 -14.22
N TRP A 258 -0.96 -1.62 -13.45
CA TRP A 258 -2.36 -1.45 -13.76
C TRP A 258 -2.53 -0.58 -15.01
N ALA A 259 -1.50 0.19 -15.35
CA ALA A 259 -1.52 1.01 -16.57
C ALA A 259 -1.43 0.17 -17.84
N GLY A 260 -0.96 -1.07 -17.72
CA GLY A 260 -0.86 -1.98 -18.86
C GLY A 260 0.23 -1.59 -19.84
N LEU A 261 1.39 -1.17 -19.32
CA LEU A 261 2.51 -0.81 -20.18
C LEU A 261 3.07 -2.03 -20.91
N GLY A 262 3.60 -1.79 -22.10
CA GLY A 262 4.15 -2.87 -22.91
C GLY A 262 5.37 -2.45 -23.69
N ARG A 263 5.99 -3.44 -24.32
CA ARG A 263 7.20 -3.23 -25.12
C ARG A 263 6.93 -2.31 -26.32
N ILE A 264 7.97 -1.66 -26.81
CA ILE A 264 7.84 -0.77 -27.96
C ILE A 264 8.41 -1.38 -29.24
N ASP A 265 9.09 -2.51 -29.09
CA ASP A 265 9.72 -3.21 -30.21
C ASP A 265 10.03 -4.63 -29.72
N GLU A 266 10.69 -5.43 -30.56
CA GLU A 266 11.01 -6.81 -30.20
C GLU A 266 12.39 -6.96 -29.58
N GLY A 267 12.96 -5.85 -29.10
CA GLY A 267 14.32 -5.87 -28.53
C GLY A 267 14.45 -6.85 -27.38
N ASP A 268 15.49 -7.68 -27.43
CA ASP A 268 15.68 -8.70 -26.39
C ASP A 268 16.39 -8.16 -25.15
N ASP A 269 16.61 -6.84 -25.14
CA ASP A 269 17.17 -6.15 -23.98
C ASP A 269 16.08 -5.66 -23.03
N CYS A 270 14.83 -6.05 -23.31
CA CYS A 270 13.67 -5.65 -22.53
C CYS A 270 12.90 -6.89 -22.13
N LEU A 271 12.41 -6.93 -20.90
CA LEU A 271 11.48 -7.95 -20.47
C LEU A 271 10.30 -7.26 -19.81
N VAL A 272 9.10 -7.57 -20.28
CA VAL A 272 7.88 -7.01 -19.68
C VAL A 272 7.36 -8.02 -18.67
N VAL A 273 7.08 -7.54 -17.45
CA VAL A 273 6.65 -8.43 -16.37
C VAL A 273 5.30 -8.02 -15.81
N GLY A 274 4.59 -9.01 -15.28
CA GLY A 274 3.42 -8.76 -14.45
C GLY A 274 3.86 -8.70 -12.99
N GLU A 275 3.06 -9.27 -12.11
CA GLU A 275 3.38 -9.32 -10.69
C GLU A 275 4.69 -10.07 -10.44
N VAL A 276 5.59 -9.49 -9.66
CA VAL A 276 6.88 -10.10 -9.33
C VAL A 276 7.22 -9.94 -7.85
N ASN A 277 8.16 -10.75 -7.39
CA ASN A 277 8.74 -10.58 -6.06
C ASN A 277 9.72 -9.41 -6.09
N HIS A 278 9.24 -8.26 -5.65
CA HIS A 278 10.06 -7.04 -5.59
C HIS A 278 11.23 -7.16 -4.64
N GLN A 279 11.02 -7.79 -3.49
CA GLN A 279 12.09 -7.89 -2.49
C GLN A 279 13.31 -8.58 -3.06
N VAL A 280 13.07 -9.63 -3.86
CA VAL A 280 14.16 -10.35 -4.50
C VAL A 280 14.65 -9.60 -5.75
N LEU A 281 13.74 -9.18 -6.62
CA LEU A 281 14.15 -8.54 -7.86
C LEU A 281 14.95 -7.26 -7.62
N PHE A 282 14.50 -6.45 -6.66
CA PHE A 282 15.16 -5.16 -6.46
C PHE A 282 16.59 -5.31 -5.93
N GLY A 283 16.92 -6.47 -5.38
CA GLY A 283 18.31 -6.75 -5.00
C GLY A 283 19.19 -7.14 -6.19
N ARG A 284 18.59 -7.28 -7.37
CA ARG A 284 19.29 -7.75 -8.57
C ARG A 284 19.16 -6.80 -9.76
N VAL A 285 18.77 -5.57 -9.49
CA VAL A 285 18.68 -4.52 -10.52
C VAL A 285 19.67 -3.40 -10.23
N ALA A 286 20.03 -2.64 -11.25
CA ALA A 286 20.95 -1.52 -11.10
C ALA A 286 20.27 -0.28 -10.51
N ALA A 287 18.99 -0.12 -10.82
CA ALA A 287 18.20 1.01 -10.33
C ALA A 287 16.73 0.72 -10.54
N VAL A 288 15.88 1.49 -9.86
CA VAL A 288 14.43 1.36 -10.00
C VAL A 288 13.84 2.74 -10.29
N VAL A 289 13.15 2.83 -11.44
CA VAL A 289 12.36 4.01 -11.80
C VAL A 289 10.92 3.69 -11.41
N HIS A 290 10.32 4.51 -10.56
CA HIS A 290 8.97 4.22 -10.08
C HIS A 290 8.20 5.50 -9.74
N HIS A 291 6.93 5.33 -9.39
CA HIS A 291 6.00 6.43 -9.14
C HIS A 291 6.08 7.06 -7.76
N GLY A 292 6.75 6.42 -6.83
CA GLY A 292 6.85 6.95 -5.47
C GLY A 292 5.71 6.58 -4.54
N GLY A 293 5.01 5.49 -4.84
CA GLY A 293 4.02 4.96 -3.89
C GLY A 293 4.70 4.60 -2.57
N ALA A 294 3.96 4.67 -1.47
CA ALA A 294 4.56 4.45 -0.15
C ALA A 294 5.22 3.07 -0.06
N GLY A 295 4.49 2.04 -0.50
CA GLY A 295 4.96 0.67 -0.40
C GLY A 295 6.11 0.38 -1.36
N THR A 296 6.01 0.89 -2.58
CA THR A 296 7.07 0.68 -3.57
C THR A 296 8.35 1.38 -3.12
N THR A 297 8.23 2.63 -2.66
CA THR A 297 9.39 3.35 -2.15
C THR A 297 10.02 2.59 -0.99
N THR A 298 9.19 2.08 -0.08
CA THR A 298 9.70 1.28 1.05
C THR A 298 10.46 0.06 0.58
N ALA A 299 9.90 -0.67 -0.37
CA ALA A 299 10.54 -1.88 -0.88
C ALA A 299 11.87 -1.59 -1.59
N VAL A 300 11.89 -0.53 -2.40
CA VAL A 300 13.11 -0.17 -3.13
C VAL A 300 14.20 0.24 -2.13
N THR A 301 13.82 1.05 -1.14
CA THR A 301 14.76 1.53 -0.15
C THR A 301 15.31 0.37 0.67
N ARG A 302 14.44 -0.54 1.11
CA ARG A 302 14.90 -1.71 1.87
C ARG A 302 15.82 -2.61 1.05
N ALA A 303 15.58 -2.71 -0.26
CA ALA A 303 16.40 -3.54 -1.13
C ALA A 303 17.77 -2.92 -1.43
N GLY A 304 17.89 -1.61 -1.21
CA GLY A 304 19.15 -0.91 -1.44
C GLY A 304 19.42 -0.56 -2.89
N ALA A 305 18.38 -0.50 -3.71
CA ALA A 305 18.55 -0.12 -5.12
C ALA A 305 18.46 1.39 -5.26
N PRO A 306 19.39 2.02 -6.00
CA PRO A 306 19.25 3.43 -6.33
C PRO A 306 17.94 3.70 -7.08
N GLN A 307 17.41 4.90 -6.92
CA GLN A 307 16.06 5.20 -7.38
C GLN A 307 15.99 6.41 -8.30
N VAL A 308 15.02 6.38 -9.21
CA VAL A 308 14.51 7.60 -9.82
C VAL A 308 13.00 7.62 -9.55
N VAL A 309 12.54 8.61 -8.80
CA VAL A 309 11.12 8.71 -8.50
C VAL A 309 10.49 9.71 -9.46
N VAL A 310 9.43 9.27 -10.13
CA VAL A 310 8.70 10.07 -11.11
C VAL A 310 7.27 10.19 -10.56
N PRO A 311 7.05 11.14 -9.65
CA PRO A 311 5.78 11.17 -8.92
C PRO A 311 4.62 11.68 -9.77
N GLN A 312 3.48 11.01 -9.65
CA GLN A 312 2.30 11.33 -10.46
C GLN A 312 1.29 12.18 -9.72
N LYS A 313 1.04 11.85 -8.45
CA LYS A 313 -0.03 12.49 -7.70
C LYS A 313 0.04 12.18 -6.20
N ALA A 314 -0.84 12.83 -5.43
CA ALA A 314 -1.07 12.53 -4.02
C ALA A 314 0.21 12.61 -3.17
N ASP A 315 0.54 11.52 -2.47
CA ASP A 315 1.70 11.46 -1.59
C ASP A 315 3.03 11.20 -2.31
N GLN A 316 2.98 11.05 -3.63
CA GLN A 316 4.18 10.64 -4.38
C GLN A 316 5.29 11.72 -4.41
N PRO A 317 4.93 13.01 -4.60
CA PRO A 317 5.98 14.02 -4.46
C PRO A 317 6.68 14.01 -3.10
N TYR A 318 5.94 13.69 -2.03
CA TYR A 318 6.53 13.55 -0.71
C TYR A 318 7.62 12.47 -0.71
N TYR A 319 7.33 11.31 -1.31
CA TYR A 319 8.32 10.23 -1.36
C TYR A 319 9.49 10.54 -2.26
N ALA A 320 9.23 11.22 -3.38
CA ALA A 320 10.32 11.69 -4.23
C ALA A 320 11.28 12.58 -3.43
N GLY A 321 10.71 13.49 -2.64
CA GLY A 321 11.51 14.39 -1.81
C GLY A 321 12.30 13.66 -0.75
N ARG A 322 11.68 12.64 -0.14
CA ARG A 322 12.37 11.85 0.88
C ARG A 322 13.54 11.08 0.30
N VAL A 323 13.34 10.49 -0.87
CA VAL A 323 14.40 9.75 -1.55
C VAL A 323 15.58 10.68 -1.88
N ALA A 324 15.28 11.87 -2.40
CA ALA A 324 16.33 12.85 -2.70
C ALA A 324 17.06 13.28 -1.42
N ASP A 325 16.31 13.55 -0.35
CA ASP A 325 16.89 13.97 0.93
C ASP A 325 17.75 12.88 1.55
N LEU A 326 17.36 11.62 1.40
CA LEU A 326 18.15 10.51 1.91
C LEU A 326 19.41 10.28 1.07
N GLY A 327 19.42 10.80 -0.15
CA GLY A 327 20.58 10.66 -1.03
C GLY A 327 20.68 9.31 -1.70
N VAL A 328 19.55 8.61 -1.79
CA VAL A 328 19.52 7.26 -2.36
C VAL A 328 18.90 7.22 -3.76
N GLY A 329 18.52 8.38 -4.27
CA GLY A 329 17.93 8.46 -5.61
C GLY A 329 17.69 9.88 -6.02
N VAL A 330 17.04 10.00 -7.18
CA VAL A 330 16.79 11.28 -7.81
C VAL A 330 15.28 11.52 -7.83
N ALA A 331 14.88 12.71 -7.40
CA ALA A 331 13.50 13.17 -7.59
C ALA A 331 13.43 13.78 -8.97
N HIS A 332 12.83 13.05 -9.92
CA HIS A 332 12.64 13.59 -11.26
C HIS A 332 11.78 14.85 -11.18
N ASP A 333 12.15 15.88 -11.94
CA ASP A 333 11.44 17.15 -11.89
C ASP A 333 10.19 17.07 -12.75
N GLY A 334 9.09 16.63 -12.14
CA GLY A 334 7.81 16.55 -12.82
C GLY A 334 7.33 15.14 -13.07
N PRO A 335 6.03 14.99 -13.39
CA PRO A 335 5.39 13.70 -13.61
C PRO A 335 5.62 13.05 -14.97
N THR A 336 6.12 13.81 -15.95
CA THR A 336 6.21 13.30 -17.33
C THR A 336 7.62 13.46 -17.88
N PRO A 337 8.46 12.43 -17.72
CA PRO A 337 9.81 12.53 -18.25
C PRO A 337 9.87 12.60 -19.76
N THR A 338 10.95 13.20 -20.25
CA THR A 338 11.37 13.05 -21.64
C THR A 338 12.54 12.07 -21.62
N VAL A 339 12.95 11.59 -22.79
CA VAL A 339 14.10 10.68 -22.83
C VAL A 339 15.31 11.37 -22.18
N GLU A 340 15.50 12.65 -22.51
CA GLU A 340 16.61 13.44 -22.00
C GLU A 340 16.57 13.60 -20.47
N SER A 341 15.41 13.97 -19.92
CA SER A 341 15.31 14.17 -18.48
C SER A 341 15.44 12.86 -17.69
N LEU A 342 14.84 11.79 -18.18
CA LEU A 342 14.97 10.51 -17.50
C LEU A 342 16.38 9.94 -17.63
N SER A 343 17.00 10.11 -18.81
CA SER A 343 18.38 9.65 -19.00
C SER A 343 19.32 10.36 -18.03
N ALA A 344 19.14 11.67 -17.86
CA ALA A 344 19.96 12.46 -16.94
C ALA A 344 19.76 12.00 -15.49
N ALA A 345 18.51 11.76 -15.11
CA ALA A 345 18.20 11.28 -13.77
C ALA A 345 18.82 9.90 -13.52
N LEU A 346 18.71 9.02 -14.52
CA LEU A 346 19.31 7.69 -14.42
C LEU A 346 20.82 7.73 -14.30
N ALA A 347 21.47 8.59 -15.09
CA ALA A 347 22.92 8.74 -15.01
C ALA A 347 23.35 9.08 -13.59
N THR A 348 22.62 9.99 -12.96
CA THR A 348 22.87 10.35 -11.57
C THR A 348 22.64 9.17 -10.61
N ALA A 349 21.56 8.42 -10.84
CA ALA A 349 21.23 7.26 -10.00
C ALA A 349 22.15 6.06 -10.22
N LEU A 350 22.96 6.08 -11.28
CA LEU A 350 23.80 4.93 -11.60
C LEU A 350 25.27 5.07 -11.19
N THR A 351 25.58 6.10 -10.40
CA THR A 351 26.95 6.32 -9.92
C THR A 351 27.31 5.34 -8.79
N PRO A 352 28.62 5.04 -8.63
CA PRO A 352 29.05 4.22 -7.50
C PRO A 352 28.68 4.82 -6.14
N GLY A 353 28.72 6.15 -6.05
CA GLY A 353 28.40 6.85 -4.80
C GLY A 353 26.97 6.61 -4.34
N ILE A 354 26.00 6.79 -5.25
CA ILE A 354 24.60 6.61 -4.90
C ILE A 354 24.29 5.13 -4.62
N ARG A 355 24.98 4.22 -5.30
CA ARG A 355 24.87 2.80 -5.03
C ARG A 355 25.26 2.50 -3.58
N ALA A 356 26.37 3.07 -3.12
CA ALA A 356 26.82 2.89 -1.75
C ALA A 356 25.85 3.52 -0.75
N ARG A 357 25.36 4.72 -1.06
CA ARG A 357 24.41 5.39 -0.16
C ARG A 357 23.12 4.58 -0.03
N ALA A 358 22.61 4.08 -1.16
CA ALA A 358 21.41 3.25 -1.15
C ALA A 358 21.65 1.96 -0.34
N ALA A 359 22.81 1.34 -0.51
CA ALA A 359 23.14 0.13 0.24
C ALA A 359 23.11 0.41 1.76
N ALA A 360 23.65 1.55 2.16
CA ALA A 360 23.70 1.91 3.58
C ALA A 360 22.32 2.19 4.17
N VAL A 361 21.49 2.95 3.44
CA VAL A 361 20.16 3.28 3.97
C VAL A 361 19.29 2.03 4.08
N ALA A 362 19.49 1.07 3.18
CA ALA A 362 18.73 -0.18 3.19
C ALA A 362 18.72 -0.85 4.57
N GLY A 363 19.89 -0.88 5.20
CA GLY A 363 20.05 -1.54 6.50
C GLY A 363 19.31 -0.87 7.64
N THR A 364 18.87 0.38 7.44
CA THR A 364 18.18 1.15 8.48
C THR A 364 16.67 0.98 8.41
N ILE A 365 16.15 0.35 7.35
CA ILE A 365 14.71 0.16 7.16
C ILE A 365 14.29 -1.12 7.87
N ARG A 366 13.44 -0.99 8.89
CA ARG A 366 12.99 -2.16 9.64
C ARG A 366 11.88 -2.91 8.92
N THR A 367 11.86 -4.22 9.14
CA THR A 367 10.87 -5.08 8.50
C THR A 367 9.92 -5.74 9.50
N ASP A 368 10.05 -5.37 10.78
CA ASP A 368 9.28 -6.02 11.87
C ASP A 368 8.07 -5.22 12.37
N GLY A 369 7.61 -4.26 11.59
CA GLY A 369 6.42 -3.49 11.93
C GLY A 369 5.18 -4.31 12.23
N THR A 370 5.00 -5.42 11.50
CA THR A 370 3.85 -6.28 11.78
C THR A 370 3.90 -6.92 13.16
N THR A 371 5.11 -7.12 13.69
CA THR A 371 5.24 -7.67 15.05
C THR A 371 4.85 -6.61 16.09
N VAL A 372 5.21 -5.35 15.85
CA VAL A 372 4.77 -4.24 16.68
C VAL A 372 3.23 -4.22 16.70
N ALA A 373 2.63 -4.26 15.51
CA ALA A 373 1.17 -4.24 15.39
C ALA A 373 0.51 -5.43 16.10
N ALA A 374 1.12 -6.60 15.98
CA ALA A 374 0.60 -7.80 16.64
C ALA A 374 0.58 -7.64 18.15
N LYS A 375 1.65 -7.08 18.70
CA LYS A 375 1.75 -6.81 20.14
C LYS A 375 0.73 -5.76 20.59
N LEU A 376 0.53 -4.72 19.78
CA LEU A 376 -0.50 -3.73 20.07
C LEU A 376 -1.89 -4.35 20.08
N LEU A 377 -2.14 -5.28 19.15
CA LEU A 377 -3.41 -6.00 19.12
C LEU A 377 -3.58 -6.89 20.35
N LEU A 378 -2.52 -7.61 20.71
CA LEU A 378 -2.54 -8.44 21.93
C LEU A 378 -2.98 -7.61 23.13
N GLU A 379 -2.39 -6.44 23.29
CA GLU A 379 -2.69 -5.56 24.43
C GLU A 379 -4.13 -5.03 24.40
N ALA A 380 -4.62 -4.67 23.21
CA ALA A 380 -6.00 -4.19 23.05
C ALA A 380 -7.04 -5.26 23.39
N ILE A 381 -6.80 -6.48 22.93
CA ILE A 381 -7.68 -7.62 23.19
C ILE A 381 -7.67 -8.03 24.66
N SER A 382 -6.47 -8.08 25.25
CA SER A 382 -6.29 -8.46 26.65
C SER A 382 -7.08 -7.55 27.60
N ARG A 383 -7.09 -6.25 27.32
CA ARG A 383 -7.86 -5.28 28.11
C ARG A 383 -9.35 -5.60 28.07
N ALA A 391 -2.64 -16.63 25.71
CA ALA A 391 -2.94 -17.70 24.72
C ALA A 391 -1.80 -17.86 23.71
N LYS A 392 -2.13 -18.38 22.52
CA LYS A 392 -1.15 -18.63 21.47
C LYS A 392 -0.41 -17.36 21.03
N LEU A 393 -1.14 -16.24 20.95
CA LEU A 393 -0.55 -14.97 20.54
C LEU A 393 0.46 -14.42 21.56
N ALA A 394 0.06 -14.36 22.83
CA ALA A 394 0.97 -13.95 23.91
C ALA A 394 2.20 -14.85 23.97
N ALA A 395 1.98 -16.16 23.84
CA ALA A 395 3.07 -17.12 23.86
C ALA A 395 4.03 -16.96 22.68
N ALA A 396 3.49 -16.68 21.50
CA ALA A 396 4.30 -16.49 20.29
C ALA A 396 5.14 -15.22 20.36
N LEU A 397 4.57 -14.17 20.93
CA LEU A 397 5.27 -12.89 21.06
C LEU A 397 6.34 -12.93 22.14
N GLU A 398 6.08 -13.68 23.22
CA GLU A 398 7.07 -13.92 24.27
C GLU A 398 8.28 -14.68 23.72
N HIS A 399 8.01 -15.58 22.77
CA HIS A 399 9.06 -16.35 22.10
C HIS A 399 9.94 -15.47 21.21
N HIS A 400 9.33 -14.52 20.51
CA HIS A 400 10.00 -13.68 19.50
C HIS A 400 11.44 -13.27 19.84
C1 U2F B . -0.62 3.82 -4.22
O1 U2F B . 0.33 3.02 -4.88
PB U2F B . 0.31 1.49 -5.22
O1B U2F B . 1.17 1.37 -6.46
O2B U2F B . -1.08 0.93 -5.26
O3A U2F B . 1.02 0.78 -3.98
PA U2F B . 2.40 1.00 -3.16
O1A U2F B . 3.48 1.56 -4.03
O2A U2F B . 2.10 1.67 -1.85
O5' U2F B . 2.70 -0.51 -2.77
C5' U2F B . 2.71 -1.58 -3.71
C4' U2F B . 3.09 -2.84 -2.97
O4' U2F B . 2.91 -3.98 -3.83
C1' U2F B . 4.15 -4.67 -3.99
C2' U2F B . 5.19 -3.57 -3.71
C3' U2F B . 4.55 -2.81 -2.57
O3' U2F B . 4.72 -3.53 -1.34
O2' U2F B . 6.50 -4.03 -3.40
N1 U2F B . 4.27 -5.16 -5.36
C6' U2F B . 4.94 -6.38 -5.57
O6' U2F B . 5.36 -7.06 -4.60
N3 U2F B . 5.10 -6.81 -6.83
C7' U2F B . 4.66 -6.13 -7.89
O7' U2F B . 4.85 -6.60 -9.05
C8' U2F B . 4.00 -4.92 -7.71
C9' U2F B . 3.83 -4.44 -6.41
C2 U2F B . -0.47 5.02 -4.67
F1 U2F B . -0.67 5.38 -5.90
C3 U2F B . 0.34 5.82 -3.70
O3 U2F B . 0.22 7.21 -3.97
C4 U2F B . 0.03 5.42 -2.25
O4 U2F B . 1.22 5.74 -1.51
C5 U2F B . -0.27 3.92 -2.05
C6 U2F B . -0.71 3.63 -0.61
O6 U2F B . -1.90 4.35 -0.33
O5 U2F B . -1.24 3.45 -2.99
S SO4 C . -10.61 3.93 -11.60
O1 SO4 C . -10.83 2.49 -11.41
O2 SO4 C . -10.59 4.59 -10.29
O3 SO4 C . -11.70 4.49 -12.40
O4 SO4 C . -9.33 4.14 -12.27
S SO4 D . -10.67 0.11 22.44
O1 SO4 D . -10.70 0.64 21.08
O2 SO4 D . -11.77 -0.82 22.62
O3 SO4 D . -9.39 -0.56 22.69
O4 SO4 D . -10.82 1.22 23.39
#